data_4D5I
#
_entry.id   4D5I
#
_cell.length_a   83.447
_cell.length_b   83.094
_cell.length_c   110.579
_cell.angle_alpha   90.00
_cell.angle_beta   90.00
_cell.angle_gamma   90.00
#
_symmetry.space_group_name_H-M   'I 2 2 2'
#
loop_
_entity.id
_entity.type
_entity.pdbx_description
1 polymer 'CELLULOSE 1,4-BETA-CELLOBIOSIDASE'
2 branched beta-D-xylopyranose-(1-4)-beta-D-xylopyranose-(1-4)-beta-D-xylopyranose
3 non-polymer 'COBALT (II) ION'
4 non-polymer 2-acetamido-2-deoxy-beta-D-glucopyranose
5 non-polymer DI(HYDROXYETHYL)ETHER
6 water water
#
_entity_poly.entity_id   1
_entity_poly.type   'polypeptide(L)'
_entity_poly.pdbx_seq_one_letter_code
;(PCA)SACTLQSETHPPLTWQKCSSGGTCTQQTGSVVIDANWRWTHATNSSTNCYDGNTWSSTLCPDNETCAKNCCLDGA
AYASTYGVTTSGNSLSIDFVTQSAQKNVGARLYLMASDTTYQEFTLLGNEFSFDVDVSQLPCGLNGALYFVSMDADGGVS
KYPTNTAGAKYGTGYCDSQCPRDLKFINGQANVEGWEPSSNNANTGIGGHGSCCSQMDIWEANSISEALTPHPCTTVGQE
ICEGDGCGGTYSDNRYGGTCDPDGCDWNPYRLGNTSFYGPGSSFTLDTTKKLTVVTQFETSGAINRYYVQNGVTFQQPNA
ELGSYSGNELNDDYCTAEEAEFGGSSFSDKGGLTQFKKATSGGMVLVMSLWDDYYANMLWLDSTYPTNETSSTPGAVRGS
CSTSSGVPAQVESQSPNAKVTFSNIKFGPIGSTGNPSG
;
_entity_poly.pdbx_strand_id   A
#
loop_
_chem_comp.id
_chem_comp.type
_chem_comp.name
_chem_comp.formula
CO non-polymer 'COBALT (II) ION' 'Co 2'
NAG D-saccharide, beta linking 2-acetamido-2-deoxy-beta-D-glucopyranose 'C8 H15 N O6'
PEG non-polymer DI(HYDROXYETHYL)ETHER 'C4 H10 O3'
XYP D-saccharide, beta linking beta-D-xylopyranose 'C5 H10 O5'
#
# COMPACT_ATOMS: atom_id res chain seq x y z
N PCA A 1 -19.03 -6.50 -10.16
CA PCA A 1 -19.51 -7.64 -9.40
CB PCA A 1 -18.28 -8.04 -8.58
CG PCA A 1 -17.44 -6.79 -8.48
CD PCA A 1 -17.97 -5.93 -9.60
OE PCA A 1 -17.46 -4.87 -9.94
C PCA A 1 -20.58 -7.28 -8.43
O PCA A 1 -20.66 -6.12 -8.01
N SER A 2 -21.41 -8.25 -8.06
CA SER A 2 -22.34 -8.11 -6.95
C SER A 2 -21.73 -8.70 -5.68
N ALA A 3 -22.46 -8.65 -4.58
CA ALA A 3 -22.03 -9.25 -3.32
C ALA A 3 -22.92 -10.43 -2.99
N CYS A 4 -22.31 -11.49 -2.48
CA CYS A 4 -23.03 -12.65 -1.96
C CYS A 4 -22.80 -12.78 -0.46
N THR A 5 -23.60 -13.60 0.20
CA THR A 5 -23.60 -13.69 1.66
C THR A 5 -23.54 -15.12 2.18
N LEU A 6 -22.92 -16.00 1.42
CA LEU A 6 -22.61 -17.32 1.95
C LEU A 6 -21.69 -17.21 3.16
N GLN A 7 -20.84 -16.18 3.17
CA GLN A 7 -19.96 -15.86 4.30
C GLN A 7 -20.27 -14.43 4.74
N SER A 8 -20.51 -14.22 6.03
CA SER A 8 -20.89 -12.89 6.49
C SER A 8 -19.66 -11.98 6.47
N GLU A 9 -19.93 -10.69 6.34
CA GLU A 9 -18.88 -9.68 6.29
C GLU A 9 -18.99 -8.77 7.52
N THR A 10 -18.10 -8.97 8.48
CA THR A 10 -18.02 -8.12 9.67
C THR A 10 -16.66 -7.43 9.67
N HIS A 11 -16.65 -6.13 9.40
CA HIS A 11 -15.38 -5.39 9.32
C HIS A 11 -14.76 -5.24 10.72
N PRO A 12 -13.50 -5.68 10.91
CA PRO A 12 -12.91 -5.51 12.25
C PRO A 12 -12.91 -4.01 12.62
N PRO A 13 -13.40 -3.63 13.82
CA PRO A 13 -13.40 -2.20 14.18
CA PRO A 13 -13.40 -2.19 14.16
C PRO A 13 -11.99 -1.65 14.40
N LEU A 14 -11.81 -0.34 14.17
CA LEU A 14 -10.53 0.32 14.42
C LEU A 14 -10.83 1.76 14.75
N THR A 15 -10.30 2.23 15.86
CA THR A 15 -10.41 3.65 16.21
C THR A 15 -9.14 4.42 15.86
N TRP A 16 -9.32 5.73 15.71
CA TRP A 16 -8.21 6.62 15.39
C TRP A 16 -8.58 7.99 15.94
N GLN A 17 -7.59 8.87 16.04
CA GLN A 17 -7.80 10.17 16.63
C GLN A 17 -7.79 11.25 15.57
N LYS A 18 -8.78 12.16 15.65
CA LYS A 18 -8.80 13.36 14.85
C LYS A 18 -8.45 14.51 15.78
N CYS A 19 -7.37 15.20 15.46
CA CYS A 19 -6.87 16.29 16.28
C CYS A 19 -7.17 17.64 15.65
N SER A 20 -7.25 18.66 16.49
CA SER A 20 -7.54 20.00 16.02
CA SER A 20 -7.60 20.02 16.09
C SER A 20 -6.45 20.98 16.40
N SER A 21 -6.43 22.11 15.69
CA SER A 21 -5.40 23.10 15.93
C SER A 21 -5.40 23.66 17.35
N GLY A 22 -6.57 23.63 18.00
CA GLY A 22 -6.73 24.13 19.37
C GLY A 22 -6.14 23.23 20.43
N GLY A 23 -5.60 22.07 20.03
CA GLY A 23 -4.80 21.27 20.95
C GLY A 23 -5.42 20.04 21.57
N THR A 24 -6.62 19.71 21.15
CA THR A 24 -7.27 18.48 21.64
C THR A 24 -7.46 17.50 20.49
N CYS A 25 -7.66 16.25 20.86
CA CYS A 25 -7.90 15.17 19.91
C CYS A 25 -9.16 14.45 20.38
N THR A 26 -9.94 13.97 19.41
CA THR A 26 -11.12 13.19 19.73
CA THR A 26 -11.21 13.27 19.65
C THR A 26 -11.18 11.90 18.97
N GLN A 27 -11.60 10.86 19.66
CA GLN A 27 -11.64 9.56 19.04
C GLN A 27 -12.73 9.44 17.97
N GLN A 28 -12.35 8.78 16.88
CA GLN A 28 -13.22 8.42 15.79
C GLN A 28 -13.34 6.90 15.76
N THR A 29 -14.48 6.41 15.34
CA THR A 29 -14.65 4.95 15.24
C THR A 29 -14.88 4.56 13.78
N GLY A 30 -13.93 3.78 13.25
CA GLY A 30 -14.06 3.21 11.90
C GLY A 30 -13.88 1.70 11.95
N SER A 31 -13.48 1.14 10.83
CA SER A 31 -13.25 -0.31 10.74
C SER A 31 -12.35 -0.53 9.52
N VAL A 32 -11.93 -1.76 9.33
CA VAL A 32 -11.13 -2.08 8.15
C VAL A 32 -11.81 -3.14 7.29
N VAL A 33 -11.60 -3.02 5.97
CA VAL A 33 -12.14 -3.98 4.99
C VAL A 33 -11.04 -4.51 4.10
N ILE A 34 -11.09 -5.82 3.80
CA ILE A 34 -10.10 -6.43 2.91
C ILE A 34 -10.47 -6.21 1.44
N ASP A 35 -9.43 -5.92 0.65
CA ASP A 35 -9.57 -5.73 -0.79
C ASP A 35 -10.22 -6.95 -1.48
N ALA A 36 -11.06 -6.65 -2.46
CA ALA A 36 -11.80 -7.64 -3.25
C ALA A 36 -10.97 -8.77 -3.82
N ASN A 37 -9.70 -8.51 -4.17
CA ASN A 37 -8.86 -9.56 -4.77
C ASN A 37 -8.57 -10.73 -3.86
N TRP A 38 -8.68 -10.50 -2.55
CA TRP A 38 -8.41 -11.56 -1.58
C TRP A 38 -9.61 -12.47 -1.38
N ARG A 39 -10.78 -12.03 -1.85
CA ARG A 39 -12.05 -12.71 -1.58
C ARG A 39 -12.31 -13.91 -2.46
N TRP A 40 -13.27 -14.73 -2.03
CA TRP A 40 -13.84 -15.77 -2.85
C TRP A 40 -14.79 -15.12 -3.86
N THR A 41 -14.59 -15.45 -5.13
CA THR A 41 -15.44 -14.93 -6.22
C THR A 41 -16.18 -16.13 -6.81
N HIS A 42 -17.51 -16.14 -6.68
CA HIS A 42 -18.29 -17.30 -7.13
C HIS A 42 -19.55 -16.88 -7.90
N ALA A 43 -20.18 -17.87 -8.54
CA ALA A 43 -21.45 -17.64 -9.24
C ALA A 43 -22.51 -17.13 -8.27
N THR A 44 -23.37 -16.22 -8.75
CA THR A 44 -24.40 -15.64 -7.87
C THR A 44 -25.39 -16.67 -7.34
N ASN A 45 -25.60 -17.74 -8.12
CA ASN A 45 -26.64 -18.74 -7.87
C ASN A 45 -26.16 -20.03 -7.18
N SER A 46 -24.84 -20.15 -6.97
CA SER A 46 -24.26 -21.36 -6.38
C SER A 46 -22.90 -21.07 -5.74
N SER A 47 -22.22 -22.12 -5.30
CA SER A 47 -20.90 -21.99 -4.69
CA SER A 47 -20.90 -22.01 -4.69
C SER A 47 -19.77 -22.27 -5.70
N THR A 48 -20.10 -22.32 -6.98
CA THR A 48 -19.12 -22.58 -8.04
C THR A 48 -18.21 -21.36 -8.25
N ASN A 49 -16.90 -21.56 -8.12
CA ASN A 49 -15.93 -20.48 -8.31
CA ASN A 49 -15.92 -20.49 -8.31
C ASN A 49 -15.99 -19.85 -9.69
N CYS A 50 -15.89 -18.52 -9.73
CA CYS A 50 -15.65 -17.81 -10.99
C CYS A 50 -14.15 -17.71 -11.28
N TYR A 51 -13.35 -17.78 -10.21
CA TYR A 51 -11.91 -17.69 -10.30
C TYR A 51 -11.37 -18.69 -9.32
N ASP A 52 -10.34 -19.43 -9.72
CA ASP A 52 -9.72 -20.41 -8.85
C ASP A 52 -8.26 -20.55 -9.25
N GLY A 53 -7.38 -20.62 -8.27
CA GLY A 53 -5.94 -20.61 -8.55
C GLY A 53 -5.58 -19.29 -9.23
N ASN A 54 -5.22 -19.36 -10.50
CA ASN A 54 -5.00 -18.15 -11.27
C ASN A 54 -5.70 -18.19 -12.63
N THR A 55 -6.81 -18.92 -12.65
CA THR A 55 -7.60 -19.16 -13.84
C THR A 55 -9.04 -18.75 -13.60
N TRP A 56 -9.63 -18.12 -14.61
CA TRP A 56 -11.05 -17.80 -14.59
C TRP A 56 -11.88 -18.94 -15.19
N SER A 57 -13.10 -19.10 -14.71
CA SER A 57 -14.07 -20.03 -15.31
C SER A 57 -14.40 -19.58 -16.74
N SER A 58 -14.11 -20.42 -17.72
CA SER A 58 -14.34 -20.02 -19.11
C SER A 58 -15.84 -19.99 -19.45
N THR A 59 -16.65 -20.68 -18.66
CA THR A 59 -18.10 -20.69 -18.88
C THR A 59 -18.79 -19.54 -18.17
N LEU A 60 -18.47 -19.33 -16.89
CA LEU A 60 -19.06 -18.22 -16.14
C LEU A 60 -18.52 -16.88 -16.62
N CYS A 61 -17.26 -16.87 -17.06
CA CYS A 61 -16.56 -15.63 -17.40
C CYS A 61 -15.98 -15.64 -18.82
N PRO A 62 -16.85 -15.70 -19.85
CA PRO A 62 -16.34 -15.71 -21.22
C PRO A 62 -15.87 -14.33 -21.69
N ASP A 63 -16.32 -13.28 -21.02
CA ASP A 63 -15.92 -11.91 -21.34
C ASP A 63 -16.12 -11.09 -20.06
N ASN A 64 -15.65 -9.85 -20.08
CA ASN A 64 -15.63 -9.01 -18.87
C ASN A 64 -17.01 -8.68 -18.31
N GLU A 65 -17.96 -8.41 -19.20
CA GLU A 65 -19.32 -8.05 -18.79
C GLU A 65 -20.13 -9.24 -18.30
N THR A 66 -20.08 -10.36 -19.04
CA THR A 66 -20.79 -11.55 -18.65
C THR A 66 -20.27 -12.05 -17.31
N CYS A 67 -18.95 -11.95 -17.12
CA CYS A 67 -18.35 -12.38 -15.88
C CYS A 67 -18.90 -11.59 -14.69
N ALA A 68 -18.91 -10.26 -14.80
CA ALA A 68 -19.43 -9.39 -13.74
C ALA A 68 -20.91 -9.62 -13.43
N LYS A 69 -21.69 -9.92 -14.46
CA LYS A 69 -23.11 -10.27 -14.28
C LYS A 69 -23.29 -11.59 -13.55
N ASN A 70 -22.43 -12.57 -13.87
CA ASN A 70 -22.56 -13.91 -13.30
C ASN A 70 -21.96 -14.12 -11.90
N CYS A 71 -21.08 -13.19 -11.50
CA CYS A 71 -20.20 -13.42 -10.37
C CYS A 71 -20.36 -12.42 -9.25
N CYS A 72 -20.11 -12.89 -8.03
CA CYS A 72 -20.13 -12.05 -6.85
C CYS A 72 -18.91 -12.29 -5.95
N LEU A 73 -18.63 -11.27 -5.13
CA LEU A 73 -17.64 -11.35 -4.05
C LEU A 73 -18.36 -11.75 -2.77
N ASP A 74 -17.72 -12.58 -1.94
CA ASP A 74 -18.34 -12.98 -0.69
C ASP A 74 -17.57 -12.45 0.52
N GLY A 75 -18.09 -12.73 1.71
CA GLY A 75 -17.51 -12.23 2.95
C GLY A 75 -16.19 -12.88 3.32
N ALA A 76 -15.50 -12.24 4.24
CA ALA A 76 -14.16 -12.66 4.67
C ALA A 76 -14.15 -13.02 6.15
N ALA A 77 -13.55 -14.17 6.47
CA ALA A 77 -13.29 -14.51 7.88
C ALA A 77 -11.93 -13.88 8.17
N TYR A 78 -11.98 -12.68 8.75
CA TYR A 78 -10.76 -11.86 8.86
C TYR A 78 -9.61 -12.54 9.60
N ALA A 79 -9.89 -13.10 10.77
CA ALA A 79 -8.83 -13.74 11.54
C ALA A 79 -8.45 -15.14 11.01
N SER A 80 -9.44 -16.02 10.82
CA SER A 80 -9.10 -17.42 10.53
C SER A 80 -8.62 -17.65 9.10
N THR A 81 -9.12 -16.84 8.16
CA THR A 81 -8.69 -16.99 6.77
C THR A 81 -7.53 -16.03 6.49
N TYR A 82 -7.63 -14.80 6.98
CA TYR A 82 -6.68 -13.76 6.50
C TYR A 82 -5.64 -13.28 7.51
N GLY A 83 -5.72 -13.75 8.75
CA GLY A 83 -4.72 -13.34 9.72
C GLY A 83 -4.78 -11.86 10.07
N VAL A 84 -5.97 -11.27 9.98
CA VAL A 84 -6.18 -9.85 10.25
C VAL A 84 -6.99 -9.72 11.52
N THR A 85 -6.44 -8.99 12.49
CA THR A 85 -7.12 -8.76 13.78
C THR A 85 -6.99 -7.30 14.18
N THR A 86 -7.94 -6.81 14.96
CA THR A 86 -7.84 -5.48 15.54
C THR A 86 -8.16 -5.52 17.02
N SER A 87 -7.68 -4.51 17.72
CA SER A 87 -7.97 -4.29 19.15
C SER A 87 -7.85 -2.80 19.42
N GLY A 88 -8.98 -2.14 19.59
CA GLY A 88 -9.02 -0.70 19.85
C GLY A 88 -8.42 0.09 18.70
N ASN A 89 -7.26 0.69 18.95
CA ASN A 89 -6.58 1.46 17.89
C ASN A 89 -5.48 0.68 17.17
N SER A 90 -5.36 -0.61 17.42
CA SER A 90 -4.32 -1.45 16.85
C SER A 90 -4.86 -2.42 15.78
N LEU A 91 -4.07 -2.60 14.73
CA LEU A 91 -4.33 -3.55 13.64
C LEU A 91 -3.09 -4.43 13.41
N SER A 92 -3.29 -5.74 13.37
CA SER A 92 -2.23 -6.70 13.09
C SER A 92 -2.56 -7.49 11.81
N ILE A 93 -1.55 -7.69 10.95
CA ILE A 93 -1.68 -8.49 9.75
C ILE A 93 -0.59 -9.55 9.78
N ASP A 94 -0.98 -10.82 9.75
CA ASP A 94 -0.03 -11.93 9.69
C ASP A 94 0.37 -12.23 8.26
N PHE A 95 1.59 -12.76 8.07
CA PHE A 95 2.10 -12.99 6.71
C PHE A 95 1.46 -14.19 6.02
N VAL A 96 1.61 -15.39 6.59
CA VAL A 96 0.98 -16.58 6.00
C VAL A 96 -0.03 -17.15 7.01
N THR A 97 -1.26 -17.33 6.55
CA THR A 97 -2.31 -17.94 7.36
C THR A 97 -2.83 -19.19 6.68
N GLN A 98 -2.72 -20.31 7.40
CA GLN A 98 -3.19 -21.59 6.88
CA GLN A 98 -3.18 -21.60 6.91
C GLN A 98 -4.57 -21.88 7.43
N SER A 99 -5.53 -22.00 6.53
CA SER A 99 -6.87 -22.49 6.88
C SER A 99 -7.10 -23.70 5.98
N ALA A 100 -8.26 -23.81 5.35
CA ALA A 100 -8.46 -24.82 4.30
C ALA A 100 -7.45 -24.59 3.17
N GLN A 101 -7.15 -23.32 2.92
CA GLN A 101 -6.15 -22.93 1.91
C GLN A 101 -5.09 -22.03 2.55
N LYS A 102 -3.99 -21.79 1.84
CA LYS A 102 -2.94 -20.88 2.30
C LYS A 102 -3.26 -19.47 1.81
N ASN A 103 -3.28 -18.52 2.74
CA ASN A 103 -3.39 -17.10 2.40
C ASN A 103 -2.07 -16.37 2.67
N VAL A 104 -1.68 -15.49 1.74
CA VAL A 104 -0.53 -14.61 1.95
C VAL A 104 -0.94 -13.14 2.04
N GLY A 105 -0.68 -12.56 3.21
CA GLY A 105 -0.86 -11.14 3.45
C GLY A 105 -2.29 -10.65 3.31
N ALA A 106 -2.43 -9.33 3.17
CA ALA A 106 -3.74 -8.68 3.04
C ALA A 106 -3.50 -7.24 2.58
N ARG A 107 -4.51 -6.63 1.97
CA ARG A 107 -4.53 -5.18 1.75
C ARG A 107 -5.88 -4.73 2.30
N LEU A 108 -5.84 -3.71 3.16
CA LEU A 108 -7.01 -3.28 3.94
C LEU A 108 -7.22 -1.78 3.79
N TYR A 109 -8.48 -1.35 3.81
CA TYR A 109 -8.84 0.08 3.74
C TYR A 109 -9.60 0.47 5.00
N LEU A 110 -9.34 1.70 5.47
CA LEU A 110 -10.06 2.23 6.62
C LEU A 110 -11.43 2.75 6.14
N MET A 111 -12.47 2.31 6.86
CA MET A 111 -13.84 2.68 6.48
CA MET A 111 -13.86 2.64 6.51
C MET A 111 -14.39 3.79 7.39
N ALA A 112 -15.31 4.56 6.82
CA ALA A 112 -16.10 5.57 7.52
C ALA A 112 -17.41 4.95 8.05
N SER A 113 -17.98 4.03 7.29
CA SER A 113 -19.22 3.34 7.67
C SER A 113 -19.06 1.97 7.03
N ASP A 114 -20.00 1.07 7.29
CA ASP A 114 -19.85 -0.27 6.75
CA ASP A 114 -19.96 -0.28 6.77
C ASP A 114 -19.92 -0.35 5.24
N THR A 115 -20.28 0.76 4.59
CA THR A 115 -20.41 0.79 3.14
C THR A 115 -19.63 1.89 2.41
N THR A 116 -18.80 2.63 3.17
CA THR A 116 -18.02 3.71 2.57
C THR A 116 -16.60 3.82 3.17
N TYR A 117 -15.65 4.23 2.33
CA TYR A 117 -14.27 4.45 2.80
C TYR A 117 -14.15 5.81 3.49
N GLN A 118 -13.23 5.88 4.46
CA GLN A 118 -12.85 7.16 5.04
C GLN A 118 -11.93 7.94 4.08
N GLU A 119 -12.23 9.19 3.81
CA GLU A 119 -11.37 10.02 2.96
C GLU A 119 -10.65 11.01 3.87
N PHE A 120 -9.37 11.21 3.59
CA PHE A 120 -8.52 12.19 4.30
C PHE A 120 -7.98 13.21 3.32
N THR A 121 -8.00 14.49 3.68
CA THR A 121 -7.34 15.52 2.89
C THR A 121 -6.00 15.76 3.55
N LEU A 122 -4.91 15.33 2.90
CA LEU A 122 -3.59 15.41 3.53
C LEU A 122 -3.00 16.80 3.58
N LEU A 123 -3.25 17.59 2.54
CA LEU A 123 -2.61 18.92 2.45
C LEU A 123 -2.92 19.84 3.62
N GLY A 124 -1.86 20.35 4.26
CA GLY A 124 -1.99 21.18 5.46
C GLY A 124 -2.07 20.40 6.76
N ASN A 125 -2.13 19.07 6.64
CA ASN A 125 -2.30 18.20 7.78
C ASN A 125 -1.13 17.27 7.99
N GLU A 126 -1.17 16.53 9.09
CA GLU A 126 -0.16 15.54 9.36
C GLU A 126 -0.81 14.23 9.78
N PHE A 127 -0.12 13.13 9.53
CA PHE A 127 -0.59 11.80 9.85
C PHE A 127 0.47 11.14 10.70
N SER A 128 0.06 10.60 11.85
CA SER A 128 0.94 9.94 12.80
C SER A 128 0.46 8.51 13.03
N PHE A 129 1.38 7.57 13.13
CA PHE A 129 1.05 6.20 13.52
C PHE A 129 2.22 5.57 14.24
N ASP A 130 1.92 4.52 15.00
CA ASP A 130 2.95 3.69 15.61
C ASP A 130 3.02 2.40 14.80
N VAL A 131 4.23 1.85 14.71
CA VAL A 131 4.40 0.59 14.01
C VAL A 131 5.41 -0.30 14.73
N ASP A 132 5.13 -1.60 14.72
CA ASP A 132 6.08 -2.61 15.13
C ASP A 132 6.46 -3.39 13.88
N VAL A 133 7.70 -3.21 13.43
CA VAL A 133 8.24 -3.90 12.28
C VAL A 133 9.21 -5.02 12.66
N SER A 134 9.28 -5.34 13.95
CA SER A 134 10.30 -6.27 14.45
C SER A 134 10.20 -7.65 13.81
N GLN A 135 8.97 -8.02 13.42
CA GLN A 135 8.73 -9.35 12.85
C GLN A 135 8.65 -9.32 11.32
N LEU A 136 9.28 -8.30 10.70
CA LEU A 136 9.39 -8.22 9.26
C LEU A 136 10.84 -8.36 8.79
N PRO A 137 11.20 -9.55 8.26
CA PRO A 137 12.55 -9.74 7.75
C PRO A 137 12.69 -9.24 6.31
N CYS A 138 13.91 -9.36 5.78
CA CYS A 138 14.19 -9.09 4.38
C CYS A 138 13.13 -9.67 3.46
N GLY A 139 12.69 -8.91 2.46
CA GLY A 139 11.75 -9.43 1.47
C GLY A 139 10.30 -9.15 1.77
N LEU A 140 10.02 -8.64 2.97
CA LEU A 140 8.63 -8.29 3.32
C LEU A 140 8.42 -6.78 3.34
N ASN A 141 7.17 -6.36 3.14
CA ASN A 141 6.82 -4.94 3.16
C ASN A 141 5.51 -4.77 3.90
N GLY A 142 5.58 -4.18 5.09
CA GLY A 142 4.39 -3.72 5.83
C GLY A 142 4.19 -2.28 5.39
N ALA A 143 3.09 -2.01 4.70
CA ALA A 143 2.92 -0.72 4.05
C ALA A 143 1.71 0.03 4.60
N LEU A 144 1.88 1.33 4.79
CA LEU A 144 0.79 2.23 5.15
C LEU A 144 0.85 3.37 4.17
N TYR A 145 -0.25 3.61 3.47
CA TYR A 145 -0.23 4.59 2.39
C TYR A 145 -1.63 5.10 2.04
N PHE A 146 -1.69 6.09 1.14
CA PHE A 146 -2.93 6.68 0.70
C PHE A 146 -3.03 6.58 -0.81
N VAL A 147 -4.25 6.38 -1.29
CA VAL A 147 -4.53 6.40 -2.74
C VAL A 147 -5.80 7.18 -3.04
N SER A 148 -5.86 7.77 -4.23
CA SER A 148 -7.04 8.57 -4.63
C SER A 148 -8.20 7.69 -5.13
N MET A 149 -8.78 6.91 -4.22
CA MET A 149 -9.93 6.05 -4.50
C MET A 149 -11.24 6.79 -4.23
N ASP A 150 -12.31 6.37 -4.92
CA ASP A 150 -13.68 6.84 -4.64
C ASP A 150 -14.18 6.30 -3.30
N ALA A 151 -14.91 7.11 -2.55
CA ALA A 151 -15.38 6.70 -1.20
C ALA A 151 -16.36 5.52 -1.26
N ASP A 152 -17.03 5.36 -2.40
CA ASP A 152 -17.97 4.27 -2.59
C ASP A 152 -17.37 3.04 -3.26
N GLY A 153 -16.06 3.09 -3.55
CA GLY A 153 -15.40 1.99 -4.25
C GLY A 153 -15.83 1.82 -5.69
N GLY A 154 -16.42 2.87 -6.27
CA GLY A 154 -16.74 2.90 -7.71
C GLY A 154 -18.21 2.70 -8.09
N VAL A 155 -19.07 2.42 -7.12
CA VAL A 155 -20.47 2.10 -7.39
C VAL A 155 -21.20 3.20 -8.19
N SER A 156 -21.01 4.46 -7.82
CA SER A 156 -21.78 5.51 -8.53
C SER A 156 -21.42 5.64 -9.99
N LYS A 157 -20.15 5.40 -10.33
CA LYS A 157 -19.70 5.49 -11.71
C LYS A 157 -19.99 4.24 -12.51
N TYR A 158 -20.02 3.10 -11.83
CA TYR A 158 -20.10 1.78 -12.47
C TYR A 158 -21.18 0.92 -11.86
N PRO A 159 -22.44 1.10 -12.31
CA PRO A 159 -23.53 0.48 -11.56
C PRO A 159 -23.55 -1.07 -11.60
N THR A 160 -22.76 -1.68 -12.49
CA THR A 160 -22.58 -3.14 -12.47
C THR A 160 -21.66 -3.60 -11.33
N ASN A 161 -21.04 -2.64 -10.65
CA ASN A 161 -20.43 -2.90 -9.35
C ASN A 161 -21.45 -2.54 -8.27
N THR A 162 -22.08 -3.54 -7.67
CA THR A 162 -23.00 -3.29 -6.56
C THR A 162 -22.42 -3.71 -5.22
N ALA A 163 -21.25 -4.37 -5.23
CA ALA A 163 -20.60 -4.81 -3.99
C ALA A 163 -19.96 -3.64 -3.22
N GLY A 164 -19.22 -2.79 -3.93
CA GLY A 164 -18.76 -1.53 -3.34
C GLY A 164 -17.66 -1.62 -2.31
N ALA A 165 -17.51 -0.52 -1.58
CA ALA A 165 -16.52 -0.41 -0.49
C ALA A 165 -16.70 -1.47 0.57
N LYS A 166 -17.95 -1.86 0.83
CA LYS A 166 -18.22 -2.90 1.83
C LYS A 166 -17.44 -4.20 1.54
N TYR A 167 -17.15 -4.43 0.25
CA TYR A 167 -16.40 -5.62 -0.19
C TYR A 167 -15.04 -5.25 -0.80
N GLY A 168 -14.58 -4.05 -0.50
CA GLY A 168 -13.22 -3.68 -0.86
C GLY A 168 -13.01 -3.51 -2.36
N THR A 169 -14.01 -3.00 -3.09
CA THR A 169 -13.80 -2.71 -4.51
C THR A 169 -13.16 -1.34 -4.73
N GLY A 170 -12.70 -1.12 -5.96
CA GLY A 170 -12.32 0.21 -6.41
C GLY A 170 -10.87 0.58 -6.24
N TYR A 171 -10.02 -0.37 -5.87
CA TYR A 171 -8.61 -0.06 -5.70
C TYR A 171 -7.97 0.52 -6.96
N CYS A 172 -7.01 1.39 -6.73
CA CYS A 172 -6.13 1.92 -7.75
C CYS A 172 -4.85 2.32 -7.06
N ASP A 173 -3.75 2.34 -7.81
CA ASP A 173 -2.53 2.96 -7.29
C ASP A 173 -1.60 3.38 -8.41
N SER A 174 -0.41 3.84 -8.06
CA SER A 174 0.46 4.43 -9.07
C SER A 174 1.19 3.38 -9.92
N GLN A 175 0.98 2.10 -9.62
CA GLN A 175 1.48 1.02 -10.49
C GLN A 175 0.46 0.67 -11.58
N CYS A 176 -0.71 1.33 -11.58
CA CYS A 176 -1.79 1.00 -12.54
C CYS A 176 -2.03 -0.51 -12.56
N PRO A 177 -2.24 -1.11 -11.37
CA PRO A 177 -2.24 -2.57 -11.25
C PRO A 177 -3.26 -3.26 -12.17
N ARG A 178 -2.75 -4.29 -12.86
CA ARG A 178 -3.53 -5.09 -13.80
C ARG A 178 -3.87 -6.45 -13.21
N ASP A 179 -3.45 -6.70 -11.97
CA ASP A 179 -3.72 -7.97 -11.27
CA ASP A 179 -3.74 -7.98 -11.30
C ASP A 179 -5.12 -8.01 -10.65
N LEU A 180 -5.80 -6.86 -10.64
CA LEU A 180 -7.15 -6.76 -10.10
C LEU A 180 -8.14 -7.57 -10.93
N LYS A 181 -8.97 -8.33 -10.24
CA LYS A 181 -9.94 -9.21 -10.89
C LYS A 181 -11.19 -8.45 -11.39
N PHE A 182 -11.53 -7.35 -10.72
CA PHE A 182 -12.62 -6.46 -11.17
C PHE A 182 -12.14 -5.03 -11.22
N ILE A 183 -12.37 -4.35 -12.35
CA ILE A 183 -12.11 -2.93 -12.47
C ILE A 183 -13.31 -2.26 -13.15
N ASN A 184 -13.82 -1.17 -12.57
CA ASN A 184 -14.92 -0.39 -13.19
C ASN A 184 -16.16 -1.24 -13.44
N GLY A 185 -16.47 -2.11 -12.48
CA GLY A 185 -17.68 -2.95 -12.51
C GLY A 185 -17.68 -4.03 -13.59
N GLN A 186 -16.51 -4.29 -14.15
N GLN A 186 -16.53 -4.31 -14.18
CA GLN A 186 -16.32 -5.36 -15.12
CA GLN A 186 -16.42 -5.41 -15.14
C GLN A 186 -15.32 -6.33 -14.53
C GLN A 186 -15.22 -6.27 -14.74
N ALA A 187 -15.29 -7.57 -15.01
CA ALA A 187 -14.17 -8.46 -14.67
C ALA A 187 -12.94 -8.08 -15.50
N ASN A 188 -11.81 -8.72 -15.22
CA ASN A 188 -10.59 -8.44 -15.95
C ASN A 188 -10.10 -9.74 -16.64
N VAL A 189 -11.04 -10.61 -16.98
CA VAL A 189 -10.73 -11.91 -17.61
C VAL A 189 -10.21 -11.75 -19.04
N GLU A 190 -10.68 -10.73 -19.77
CA GLU A 190 -10.16 -10.51 -21.12
C GLU A 190 -8.68 -10.15 -21.07
N GLY A 191 -7.87 -10.85 -21.86
CA GLY A 191 -6.43 -10.68 -21.85
C GLY A 191 -5.71 -11.29 -20.65
N TRP A 192 -6.41 -12.05 -19.81
CA TRP A 192 -5.79 -12.62 -18.59
C TRP A 192 -4.64 -13.58 -18.89
N GLU A 193 -3.52 -13.37 -18.23
CA GLU A 193 -2.37 -14.27 -18.26
C GLU A 193 -1.97 -14.66 -16.84
N PRO A 194 -1.97 -15.96 -16.53
CA PRO A 194 -1.59 -16.35 -15.18
C PRO A 194 -0.14 -15.98 -14.90
N SER A 195 0.15 -15.66 -13.64
CA SER A 195 1.53 -15.40 -13.23
CA SER A 195 1.52 -15.40 -13.20
C SER A 195 2.36 -16.66 -13.39
N SER A 196 3.58 -16.48 -13.91
CA SER A 196 4.49 -17.60 -14.10
CA SER A 196 4.51 -17.60 -14.10
C SER A 196 5.03 -18.14 -12.77
N ASN A 197 5.02 -17.31 -11.73
CA ASN A 197 5.56 -17.71 -10.43
C ASN A 197 4.63 -17.63 -9.23
N ASN A 198 3.35 -17.34 -9.45
CA ASN A 198 2.39 -17.22 -8.35
C ASN A 198 1.11 -17.93 -8.71
N ALA A 199 0.82 -18.99 -7.95
CA ALA A 199 -0.33 -19.85 -8.17
C ALA A 199 -1.68 -19.14 -8.01
N ASN A 200 -1.68 -17.95 -7.42
CA ASN A 200 -2.92 -17.28 -7.04
C ASN A 200 -3.23 -16.01 -7.83
N THR A 201 -2.31 -15.59 -8.70
CA THR A 201 -2.45 -14.29 -9.37
C THR A 201 -2.21 -14.33 -10.88
N GLY A 202 -2.63 -13.25 -11.55
CA GLY A 202 -2.30 -13.05 -12.93
C GLY A 202 -2.41 -11.59 -13.30
N ILE A 203 -2.41 -11.31 -14.59
CA ILE A 203 -2.39 -9.96 -15.16
C ILE A 203 -3.44 -9.94 -16.25
N GLY A 204 -4.37 -8.97 -16.20
CA GLY A 204 -5.43 -8.84 -17.19
C GLY A 204 -5.23 -7.69 -18.16
N GLY A 205 -6.19 -7.55 -19.08
CA GLY A 205 -6.11 -6.52 -20.11
C GLY A 205 -6.39 -5.10 -19.66
N HIS A 206 -6.90 -4.91 -18.44
CA HIS A 206 -7.13 -3.58 -17.88
C HIS A 206 -6.32 -3.38 -16.59
N GLY A 207 -6.00 -2.13 -16.28
CA GLY A 207 -5.40 -1.76 -15.00
C GLY A 207 -6.16 -0.60 -14.38
N SER A 208 -5.86 -0.31 -13.12
CA SER A 208 -6.54 0.77 -12.41
C SER A 208 -5.56 1.76 -11.76
N CYS A 209 -5.53 2.98 -12.32
CA CYS A 209 -4.52 3.98 -12.00
C CYS A 209 -5.03 5.06 -11.06
N CYS A 210 -4.18 5.52 -10.15
CA CYS A 210 -4.41 6.79 -9.44
C CYS A 210 -3.20 7.18 -8.61
N SER A 211 -3.22 8.43 -8.16
CA SER A 211 -2.17 9.00 -7.33
C SER A 211 -2.01 8.22 -6.02
N GLN A 212 -0.77 8.18 -5.53
CA GLN A 212 -0.43 7.36 -4.35
C GLN A 212 0.60 8.05 -3.46
N MET A 213 0.26 8.20 -2.17
CA MET A 213 1.21 8.67 -1.18
CA MET A 213 1.20 8.69 -1.17
C MET A 213 1.72 7.51 -0.35
N ASP A 214 2.92 7.01 -0.65
CA ASP A 214 3.49 5.91 0.12
C ASP A 214 4.15 6.50 1.35
N ILE A 215 3.36 6.62 2.42
CA ILE A 215 3.89 7.14 3.66
CA ILE A 215 3.88 7.14 3.67
C ILE A 215 4.96 6.19 4.22
N TRP A 216 4.70 4.89 4.13
CA TRP A 216 5.53 3.92 4.83
C TRP A 216 5.57 2.61 4.08
N GLU A 217 6.74 2.26 3.57
CA GLU A 217 6.96 0.92 3.02
C GLU A 217 8.22 0.47 3.72
N ALA A 218 8.12 -0.61 4.48
CA ALA A 218 9.21 -0.90 5.39
C ALA A 218 9.19 -2.33 5.91
N ASN A 219 10.39 -2.75 6.31
CA ASN A 219 10.54 -3.92 7.18
C ASN A 219 11.54 -3.58 8.27
N SER A 220 12.09 -4.58 8.96
CA SER A 220 13.04 -4.29 10.04
C SER A 220 14.40 -3.76 9.54
N ILE A 221 14.62 -3.80 8.22
CA ILE A 221 15.93 -3.41 7.64
C ILE A 221 15.90 -2.03 6.94
N SER A 222 14.83 -1.75 6.20
CA SER A 222 14.76 -0.52 5.38
C SER A 222 13.36 0.05 5.42
N GLU A 223 13.26 1.38 5.23
CA GLU A 223 11.98 2.07 5.12
C GLU A 223 12.07 3.19 4.10
N ALA A 224 10.96 3.45 3.42
CA ALA A 224 10.94 4.47 2.37
C ALA A 224 9.65 5.26 2.43
N LEU A 225 9.77 6.56 2.11
CA LEU A 225 8.66 7.53 1.99
C LEU A 225 8.61 7.99 0.53
N THR A 226 7.49 7.82 -0.14
CA THR A 226 7.46 8.06 -1.59
C THR A 226 6.14 8.59 -2.16
N PRO A 227 6.10 9.87 -2.58
CA PRO A 227 4.95 10.35 -3.37
C PRO A 227 5.03 9.90 -4.84
N HIS A 228 3.87 9.51 -5.39
CA HIS A 228 3.80 9.09 -6.81
C HIS A 228 2.66 9.85 -7.50
N PRO A 229 3.00 10.81 -8.40
CA PRO A 229 1.99 11.57 -9.14
C PRO A 229 1.48 10.80 -10.37
N CYS A 230 0.25 11.11 -10.78
CA CYS A 230 -0.30 10.62 -12.06
C CYS A 230 -0.89 11.82 -12.80
N THR A 231 -0.95 11.75 -14.13
CA THR A 231 -1.51 12.83 -14.94
C THR A 231 -3.03 12.95 -14.80
N THR A 232 -3.69 11.87 -14.39
CA THR A 232 -5.07 11.91 -13.91
C THR A 232 -4.99 11.63 -12.42
N VAL A 233 -5.51 12.54 -11.62
CA VAL A 233 -5.33 12.45 -10.16
C VAL A 233 -6.02 11.21 -9.56
N GLY A 234 -7.29 11.01 -9.89
CA GLY A 234 -8.11 9.96 -9.31
C GLY A 234 -8.18 8.68 -10.11
N GLN A 235 -9.07 7.80 -9.70
CA GLN A 235 -9.16 6.48 -10.28
C GLN A 235 -9.51 6.53 -11.77
N GLU A 236 -8.74 5.81 -12.57
CA GLU A 236 -8.95 5.75 -14.01
C GLU A 236 -8.47 4.40 -14.57
N ILE A 237 -9.32 3.74 -15.35
CA ILE A 237 -8.93 2.51 -16.06
C ILE A 237 -7.83 2.78 -17.09
N CYS A 238 -6.99 1.78 -17.33
CA CYS A 238 -6.00 1.83 -18.41
C CYS A 238 -6.03 0.53 -19.21
N GLU A 239 -5.53 0.60 -20.43
CA GLU A 239 -5.61 -0.52 -21.37
C GLU A 239 -4.28 -1.17 -21.60
N GLY A 240 -4.17 -2.45 -21.21
CA GLY A 240 -3.01 -3.26 -21.54
C GLY A 240 -1.68 -2.61 -21.21
N ASP A 241 -0.73 -2.70 -22.13
CA ASP A 241 0.62 -2.16 -21.88
C ASP A 241 0.66 -0.63 -21.83
N GLY A 242 -0.41 0.00 -22.33
CA GLY A 242 -0.63 1.43 -22.16
C GLY A 242 -0.79 1.81 -20.68
N CYS A 243 -0.99 0.80 -19.84
CA CYS A 243 -1.03 1.03 -18.39
C CYS A 243 0.28 1.51 -17.80
N GLY A 244 1.40 1.07 -18.36
CA GLY A 244 2.69 1.21 -17.71
C GLY A 244 2.68 0.43 -16.41
N GLY A 245 3.56 0.79 -15.49
CA GLY A 245 3.64 0.12 -14.19
C GLY A 245 4.40 -1.19 -14.21
N THR A 246 4.63 -1.72 -13.02
CA THR A 246 5.48 -2.91 -12.82
C THR A 246 5.26 -3.99 -13.87
N TYR A 247 4.01 -4.36 -14.10
CA TYR A 247 3.70 -5.55 -14.92
C TYR A 247 3.40 -5.35 -16.40
N SER A 248 3.55 -4.11 -16.87
CA SER A 248 3.51 -3.86 -18.30
C SER A 248 4.90 -3.98 -18.90
N ASP A 249 4.95 -4.10 -20.23
CA ASP A 249 6.20 -4.18 -20.96
C ASP A 249 7.11 -2.96 -20.69
N ASN A 250 6.52 -1.78 -20.73
CA ASN A 250 7.25 -0.55 -20.41
C ASN A 250 6.64 0.10 -19.18
N ARG A 251 7.36 0.06 -18.06
CA ARG A 251 6.79 0.64 -16.84
C ARG A 251 6.47 2.14 -16.98
N TYR A 252 7.09 2.81 -17.96
CA TYR A 252 6.91 4.27 -18.09
C TYR A 252 5.93 4.68 -19.18
N GLY A 253 5.23 3.70 -19.75
CA GLY A 253 4.32 3.96 -20.87
C GLY A 253 2.89 4.34 -20.53
N GLY A 254 2.64 4.79 -19.30
CA GLY A 254 1.27 5.14 -18.92
C GLY A 254 1.17 6.48 -18.23
N THR A 255 0.09 6.65 -17.47
CA THR A 255 -0.28 7.95 -16.90
C THR A 255 0.27 8.18 -15.48
N CYS A 256 0.79 7.13 -14.83
CA CYS A 256 1.30 7.25 -13.46
C CYS A 256 2.80 7.13 -13.41
N ASP A 257 3.39 7.65 -12.33
CA ASP A 257 4.80 7.45 -12.05
C ASP A 257 5.02 6.25 -11.12
N PRO A 258 5.53 5.12 -11.64
CA PRO A 258 5.65 3.94 -10.79
C PRO A 258 6.90 3.98 -9.91
N ASP A 259 7.79 4.94 -10.13
CA ASP A 259 9.03 5.01 -9.38
C ASP A 259 8.86 5.92 -8.18
N GLY A 260 8.34 7.13 -8.41
CA GLY A 260 8.15 8.08 -7.32
C GLY A 260 9.40 8.83 -6.93
N CYS A 261 9.23 9.86 -6.10
CA CYS A 261 10.35 10.56 -5.51
C CYS A 261 10.56 9.94 -4.13
N ASP A 262 11.40 8.91 -4.07
CA ASP A 262 11.51 8.12 -2.84
C ASP A 262 12.57 8.68 -1.94
N TRP A 263 12.30 8.61 -0.64
CA TRP A 263 13.27 8.96 0.38
C TRP A 263 13.47 7.76 1.31
N ASN A 264 14.60 7.07 1.17
CA ASN A 264 15.02 5.95 2.01
C ASN A 264 16.33 6.40 2.66
N PRO A 265 16.35 6.63 4.00
CA PRO A 265 17.57 7.18 4.60
C PRO A 265 18.82 6.35 4.29
N TYR A 266 18.67 5.03 4.22
CA TYR A 266 19.83 4.15 3.94
C TYR A 266 20.32 4.40 2.51
N ARG A 267 19.40 4.47 1.56
CA ARG A 267 19.74 4.73 0.14
C ARG A 267 20.49 6.05 -0.05
N LEU A 268 20.13 7.03 0.79
CA LEU A 268 20.70 8.36 0.75
C LEU A 268 22.03 8.46 1.52
N GLY A 269 22.44 7.38 2.19
CA GLY A 269 23.79 7.33 2.77
C GLY A 269 23.85 7.11 4.27
N ASN A 270 22.72 7.30 4.97
CA ASN A 270 22.73 7.09 6.40
C ASN A 270 22.37 5.65 6.72
N THR A 271 23.41 4.84 6.85
CA THR A 271 23.22 3.41 7.04
C THR A 271 23.11 3.03 8.51
N SER A 272 23.14 4.03 9.39
CA SER A 272 23.09 3.86 10.84
CA SER A 272 23.02 3.75 10.82
C SER A 272 21.76 4.34 11.44
N PHE A 273 20.85 4.85 10.61
CA PHE A 273 19.63 5.45 11.16
C PHE A 273 18.54 4.49 11.63
N TYR A 274 18.35 3.40 10.88
CA TYR A 274 17.17 2.56 11.06
C TYR A 274 17.58 1.12 10.85
N GLY A 275 17.43 0.31 11.89
CA GLY A 275 17.74 -1.11 11.78
C GLY A 275 17.59 -1.80 13.13
N PRO A 276 17.82 -3.12 13.17
N PRO A 276 17.83 -3.13 13.16
CA PRO A 276 17.53 -3.89 14.38
CA PRO A 276 17.63 -3.90 14.37
C PRO A 276 18.64 -3.82 15.43
C PRO A 276 18.71 -3.67 15.42
N GLY A 277 18.29 -3.34 16.62
CA GLY A 277 19.18 -3.29 17.77
C GLY A 277 19.71 -1.93 18.09
N SER A 278 20.56 -1.88 19.12
CA SER A 278 20.98 -0.62 19.71
C SER A 278 22.06 0.11 18.92
N SER A 279 22.56 -0.48 17.84
CA SER A 279 23.56 0.17 16.99
C SER A 279 22.93 1.18 16.02
N PHE A 280 21.60 1.29 16.01
CA PHE A 280 20.90 2.18 15.08
C PHE A 280 20.19 3.28 15.84
N THR A 281 20.00 4.43 15.19
CA THR A 281 19.30 5.54 15.84
C THR A 281 17.87 5.14 16.25
N LEU A 282 17.16 4.50 15.32
CA LEU A 282 15.85 3.90 15.57
C LEU A 282 16.05 2.40 15.58
N ASP A 283 15.71 1.78 16.71
CA ASP A 283 15.83 0.32 16.90
C ASP A 283 14.54 -0.39 16.46
N THR A 284 14.65 -1.11 15.35
CA THR A 284 13.47 -1.71 14.74
C THR A 284 12.98 -2.99 15.42
N THR A 285 13.68 -3.42 16.47
CA THR A 285 13.10 -4.45 17.36
C THR A 285 12.03 -3.89 18.28
N LYS A 286 11.91 -2.56 18.35
CA LYS A 286 10.95 -1.90 19.24
CA LYS A 286 10.92 -1.93 19.24
C LYS A 286 9.96 -1.04 18.45
N LYS A 287 8.76 -0.85 18.99
CA LYS A 287 7.74 0.02 18.37
CA LYS A 287 7.73 0.03 18.40
C LYS A 287 8.32 1.43 18.17
N LEU A 288 7.91 2.09 17.08
CA LEU A 288 8.33 3.47 16.86
C LEU A 288 7.14 4.26 16.33
N THR A 289 7.21 5.58 16.49
CA THR A 289 6.19 6.50 16.02
C THR A 289 6.73 7.23 14.79
N VAL A 290 5.89 7.37 13.79
CA VAL A 290 6.26 7.96 12.48
C VAL A 290 5.25 9.05 12.17
N VAL A 291 5.72 10.30 12.00
CA VAL A 291 4.85 11.43 11.74
C VAL A 291 5.21 12.07 10.40
N THR A 292 4.21 12.36 9.58
CA THR A 292 4.43 12.83 8.22
C THR A 292 3.53 14.03 8.01
N GLN A 293 4.12 15.14 7.60
CA GLN A 293 3.49 16.47 7.56
C GLN A 293 3.46 17.02 6.14
N PHE A 294 2.29 17.43 5.70
CA PHE A 294 2.12 17.84 4.31
C PHE A 294 1.93 19.36 4.23
N GLU A 295 3.03 20.10 4.22
CA GLU A 295 2.91 21.55 4.20
C GLU A 295 2.31 22.05 2.87
N THR A 296 1.70 23.24 2.90
CA THR A 296 0.93 23.69 1.73
C THR A 296 1.78 24.01 0.50
N SER A 297 3.10 24.15 0.69
CA SER A 297 3.97 24.34 -0.47
C SER A 297 3.98 23.09 -1.37
N GLY A 298 3.58 21.94 -0.82
CA GLY A 298 3.63 20.64 -1.51
C GLY A 298 4.81 19.78 -1.07
N ALA A 299 5.71 20.34 -0.25
CA ALA A 299 6.80 19.57 0.34
C ALA A 299 6.31 18.68 1.49
N ILE A 300 7.09 17.63 1.78
CA ILE A 300 6.74 16.71 2.85
C ILE A 300 7.82 16.66 3.93
N ASN A 301 7.39 16.82 5.18
CA ASN A 301 8.30 16.74 6.33
C ASN A 301 8.02 15.50 7.17
N ARG A 302 9.04 15.04 7.88
CA ARG A 302 8.99 13.76 8.58
C ARG A 302 9.79 13.82 9.86
N TYR A 303 9.19 13.32 10.95
CA TYR A 303 9.98 13.05 12.13
C TYR A 303 9.52 11.75 12.77
N TYR A 304 10.35 11.22 13.67
CA TYR A 304 10.09 9.94 14.34
C TYR A 304 10.23 10.13 15.84
N VAL A 305 9.54 9.30 16.62
CA VAL A 305 9.71 9.31 18.08
C VAL A 305 9.88 7.86 18.53
N GLN A 306 10.89 7.59 19.37
CA GLN A 306 11.02 6.27 19.98
C GLN A 306 11.54 6.48 21.40
N ASN A 307 10.86 5.84 22.35
CA ASN A 307 11.17 6.02 23.78
C ASN A 307 11.28 7.51 24.19
N GLY A 308 10.36 8.31 23.66
CA GLY A 308 10.26 9.72 24.02
C GLY A 308 11.33 10.62 23.43
N VAL A 309 12.21 10.06 22.59
CA VAL A 309 13.25 10.82 21.90
C VAL A 309 12.80 11.08 20.47
N THR A 310 12.92 12.33 20.04
CA THR A 310 12.45 12.78 18.73
C THR A 310 13.61 12.96 17.76
N PHE A 311 13.42 12.50 16.53
CA PHE A 311 14.41 12.62 15.45
C PHE A 311 13.74 13.11 14.16
N GLN A 312 14.15 14.26 13.63
CA GLN A 312 13.73 14.63 12.28
C GLN A 312 14.24 13.57 11.29
N GLN A 313 13.59 13.44 10.14
CA GLN A 313 14.20 12.76 8.98
C GLN A 313 15.70 13.17 8.88
N PRO A 314 16.62 12.21 8.77
CA PRO A 314 18.05 12.58 8.72
C PRO A 314 18.38 13.46 7.50
N ASN A 315 19.33 14.38 7.70
CA ASN A 315 19.82 15.18 6.57
C ASN A 315 20.46 14.31 5.50
N ALA A 316 20.26 14.73 4.25
CA ALA A 316 20.89 14.13 3.09
C ALA A 316 21.46 15.20 2.18
N GLU A 317 22.55 14.85 1.51
CA GLU A 317 23.20 15.74 0.55
C GLU A 317 23.28 14.94 -0.73
N LEU A 318 22.76 15.52 -1.79
CA LEU A 318 22.66 14.85 -3.08
C LEU A 318 22.73 15.91 -4.17
N GLY A 319 23.80 15.88 -4.97
CA GLY A 319 24.01 16.96 -5.92
C GLY A 319 24.01 18.30 -5.20
N SER A 320 23.20 19.25 -5.67
CA SER A 320 23.12 20.57 -5.02
C SER A 320 22.07 20.62 -3.91
N TYR A 321 21.39 19.50 -3.68
CA TYR A 321 20.41 19.47 -2.61
C TYR A 321 21.06 19.16 -1.27
N SER A 322 20.62 19.87 -0.22
CA SER A 322 21.03 19.55 1.15
C SER A 322 19.88 19.83 2.10
N GLY A 323 19.52 18.87 2.95
CA GLY A 323 18.42 19.09 3.90
C GLY A 323 17.70 17.79 4.27
N ASN A 324 16.52 17.93 4.87
CA ASN A 324 15.71 16.78 5.28
C ASN A 324 14.25 16.87 4.88
N GLU A 325 13.90 17.91 4.12
CA GLU A 325 12.57 18.08 3.61
C GLU A 325 12.47 17.49 2.20
N LEU A 326 11.43 16.70 1.95
CA LEU A 326 11.21 16.14 0.61
C LEU A 326 10.47 17.21 -0.20
N ASN A 327 11.25 17.92 -1.01
CA ASN A 327 10.74 19.06 -1.79
C ASN A 327 11.18 18.96 -3.26
N ASP A 328 10.81 19.95 -4.07
CA ASP A 328 11.15 19.98 -5.49
C ASP A 328 12.64 19.79 -5.70
N ASP A 329 13.43 20.49 -4.89
CA ASP A 329 14.88 20.47 -5.02
C ASP A 329 15.43 19.07 -4.79
N TYR A 330 14.91 18.38 -3.76
CA TYR A 330 15.31 16.99 -3.51
C TYR A 330 14.98 16.12 -4.72
N CYS A 331 13.74 16.17 -5.18
CA CYS A 331 13.29 15.24 -6.23
C CYS A 331 14.05 15.45 -7.55
N THR A 332 14.34 16.72 -7.84
CA THR A 332 15.13 17.08 -9.03
C THR A 332 16.56 16.59 -8.91
N ALA A 333 17.16 16.79 -7.75
CA ALA A 333 18.51 16.31 -7.48
C ALA A 333 18.57 14.78 -7.54
N GLU A 334 17.54 14.11 -7.04
CA GLU A 334 17.51 12.65 -7.05
C GLU A 334 17.55 12.11 -8.48
N GLU A 335 16.71 12.68 -9.33
CA GLU A 335 16.72 12.30 -10.74
C GLU A 335 18.07 12.55 -11.39
N ALA A 336 18.67 13.71 -11.10
CA ALA A 336 19.99 14.03 -11.66
C ALA A 336 21.08 13.07 -11.20
N GLU A 337 21.04 12.63 -9.95
CA GLU A 337 22.12 11.82 -9.39
C GLU A 337 21.90 10.30 -9.52
N PHE A 338 20.67 9.85 -9.24
CA PHE A 338 20.35 8.41 -9.33
C PHE A 338 19.82 8.00 -10.71
N GLY A 339 19.31 8.95 -11.49
CA GLY A 339 18.77 8.71 -12.83
C GLY A 339 17.25 8.76 -12.87
N GLY A 340 16.70 8.81 -14.07
CA GLY A 340 15.26 8.68 -14.26
C GLY A 340 14.58 10.01 -14.51
N SER A 341 13.40 9.95 -15.12
CA SER A 341 12.62 11.16 -15.41
C SER A 341 11.13 10.96 -15.16
N SER A 342 10.74 9.81 -14.59
CA SER A 342 9.32 9.50 -14.41
C SER A 342 8.56 10.48 -13.48
N PHE A 343 9.16 10.77 -12.33
CA PHE A 343 8.52 11.67 -11.35
C PHE A 343 8.28 13.06 -11.95
N SER A 344 9.30 13.60 -12.61
CA SER A 344 9.20 14.93 -13.21
C SER A 344 8.33 14.93 -14.47
N ASP A 345 8.40 13.84 -15.25
CA ASP A 345 7.51 13.67 -16.41
C ASP A 345 6.03 13.75 -16.03
N LYS A 346 5.67 13.19 -14.87
CA LYS A 346 4.30 13.18 -14.40
C LYS A 346 3.90 14.41 -13.58
N GLY A 347 4.80 15.38 -13.47
CA GLY A 347 4.46 16.69 -12.90
C GLY A 347 4.99 16.95 -11.49
N GLY A 348 5.76 16.00 -10.97
CA GLY A 348 6.42 16.17 -9.68
C GLY A 348 5.48 16.49 -8.52
N LEU A 349 5.99 17.27 -7.57
CA LEU A 349 5.22 17.59 -6.36
C LEU A 349 4.05 18.53 -6.64
N THR A 350 4.15 19.35 -7.68
CA THR A 350 3.04 20.19 -8.09
C THR A 350 1.81 19.37 -8.48
N GLN A 351 2.02 18.34 -9.31
CA GLN A 351 0.93 17.46 -9.69
C GLN A 351 0.49 16.62 -8.48
N PHE A 352 1.46 16.25 -7.66
CA PHE A 352 1.11 15.45 -6.51
C PHE A 352 0.23 16.23 -5.53
N LYS A 353 0.46 17.53 -5.43
CA LYS A 353 -0.33 18.40 -4.56
C LYS A 353 -1.83 18.34 -4.89
N LYS A 354 -2.14 18.03 -6.15
CA LYS A 354 -3.56 17.93 -6.53
C LYS A 354 -4.24 16.72 -5.87
N ALA A 355 -3.47 15.67 -5.63
CA ALA A 355 -3.97 14.52 -4.92
C ALA A 355 -4.17 14.80 -3.43
N THR A 356 -3.15 15.40 -2.80
CA THR A 356 -3.24 15.64 -1.35
C THR A 356 -4.23 16.77 -1.00
N SER A 357 -4.53 17.61 -1.98
CA SER A 357 -5.56 18.66 -1.83
CA SER A 357 -5.56 18.66 -1.78
C SER A 357 -6.96 18.08 -1.84
N GLY A 358 -7.11 16.87 -2.39
CA GLY A 358 -8.38 16.17 -2.49
C GLY A 358 -8.42 15.05 -1.48
N GLY A 359 -9.44 14.20 -1.55
CA GLY A 359 -9.55 13.10 -0.60
C GLY A 359 -8.78 11.87 -1.06
N MET A 360 -8.15 11.21 -0.09
CA MET A 360 -7.49 9.93 -0.33
C MET A 360 -7.89 8.93 0.73
N VAL A 361 -7.84 7.66 0.36
CA VAL A 361 -8.19 6.56 1.25
C VAL A 361 -6.93 5.93 1.86
N LEU A 362 -7.01 5.63 3.16
CA LEU A 362 -5.93 4.96 3.92
C LEU A 362 -5.89 3.45 3.69
N VAL A 363 -4.71 2.97 3.32
CA VAL A 363 -4.45 1.56 3.02
C VAL A 363 -3.39 1.03 3.97
N MET A 364 -3.60 -0.16 4.53
CA MET A 364 -2.56 -0.87 5.29
C MET A 364 -2.46 -2.26 4.73
N SER A 365 -1.22 -2.69 4.46
CA SER A 365 -1.02 -3.97 3.82
C SER A 365 0.25 -4.66 4.28
N LEU A 366 0.32 -5.95 3.96
CA LEU A 366 1.53 -6.73 4.15
C LEU A 366 1.67 -7.58 2.92
N TRP A 367 2.84 -7.50 2.28
CA TRP A 367 3.08 -8.25 1.05
C TRP A 367 4.54 -8.66 0.87
N ASP A 368 4.72 -9.66 0.00
CA ASP A 368 6.03 -10.03 -0.56
C ASP A 368 5.94 -9.78 -2.07
N ASP A 369 7.10 -9.76 -2.72
CA ASP A 369 7.23 -9.16 -4.04
C ASP A 369 7.59 -10.20 -5.09
N TYR A 370 6.59 -10.58 -5.88
CA TYR A 370 6.77 -11.63 -6.88
C TYR A 370 7.45 -11.10 -8.15
N TYR A 371 7.66 -9.78 -8.24
CA TYR A 371 8.38 -9.22 -9.38
C TYR A 371 9.88 -9.05 -9.09
N ALA A 372 10.22 -8.45 -7.96
CA ALA A 372 11.61 -8.05 -7.68
C ALA A 372 12.10 -8.37 -6.28
N ASN A 373 11.37 -9.23 -5.55
CA ASN A 373 11.84 -9.77 -4.25
C ASN A 373 12.12 -8.70 -3.19
N MET A 374 11.52 -7.52 -3.37
CA MET A 374 11.67 -6.39 -2.44
C MET A 374 13.09 -5.81 -2.39
N LEU A 375 13.89 -6.16 -3.40
CA LEU A 375 15.31 -5.73 -3.43
C LEU A 375 15.45 -4.21 -3.58
N TRP A 376 14.51 -3.61 -4.31
CA TRP A 376 14.44 -2.15 -4.47
C TRP A 376 14.29 -1.42 -3.12
N LEU A 377 13.77 -2.09 -2.10
CA LEU A 377 13.57 -1.49 -0.78
C LEU A 377 14.76 -1.76 0.15
N ASP A 378 15.29 -2.98 0.15
CA ASP A 378 16.15 -3.40 1.26
C ASP A 378 17.48 -4.03 0.87
N SER A 379 17.83 -4.00 -0.42
CA SER A 379 19.04 -4.67 -0.88
C SER A 379 19.75 -3.77 -1.89
N THR A 380 20.54 -4.38 -2.76
CA THR A 380 21.22 -3.67 -3.84
C THR A 380 20.45 -3.98 -5.12
N TYR A 381 20.09 -2.94 -5.86
CA TYR A 381 19.17 -3.09 -6.98
C TYR A 381 19.44 -2.06 -8.08
N PRO A 382 19.53 -2.48 -9.35
CA PRO A 382 19.60 -3.89 -9.78
C PRO A 382 20.79 -4.65 -9.14
N THR A 383 20.70 -5.98 -9.13
CA THR A 383 21.62 -6.78 -8.31
C THR A 383 23.05 -6.87 -8.86
N ASN A 384 23.23 -6.49 -10.12
CA ASN A 384 24.58 -6.47 -10.70
C ASN A 384 25.33 -5.17 -10.41
N GLU A 385 24.63 -4.18 -9.84
CA GLU A 385 25.27 -2.91 -9.52
C GLU A 385 26.08 -3.07 -8.23
N THR A 386 27.02 -2.16 -8.01
CA THR A 386 27.78 -2.16 -6.77
C THR A 386 27.48 -0.87 -6.01
N SER A 387 28.08 -0.74 -4.83
CA SER A 387 27.96 0.47 -4.03
C SER A 387 28.49 1.72 -4.72
N SER A 388 29.29 1.56 -5.78
CA SER A 388 29.83 2.72 -6.50
C SER A 388 28.80 3.34 -7.46
N THR A 389 27.72 2.62 -7.73
CA THR A 389 26.59 3.15 -8.50
C THR A 389 25.70 3.95 -7.54
N PRO A 390 25.49 5.24 -7.82
CA PRO A 390 24.72 6.10 -6.92
C PRO A 390 23.31 5.55 -6.70
N GLY A 391 22.93 5.35 -5.44
CA GLY A 391 21.57 4.89 -5.12
C GLY A 391 21.30 3.41 -5.28
N ALA A 392 22.31 2.63 -5.67
CA ALA A 392 22.07 1.19 -5.85
C ALA A 392 21.77 0.46 -4.55
N VAL A 393 22.48 0.80 -3.47
CA VAL A 393 22.32 0.09 -2.20
C VAL A 393 21.23 0.79 -1.39
N ARG A 394 20.17 0.03 -1.08
CA ARG A 394 19.01 0.55 -0.34
C ARG A 394 18.84 -0.06 1.04
N GLY A 395 19.61 -1.11 1.33
CA GLY A 395 19.60 -1.77 2.63
C GLY A 395 20.65 -2.86 2.67
N SER A 396 20.74 -3.55 3.79
CA SER A 396 21.79 -4.55 4.01
C SER A 396 21.40 -5.97 3.60
N CYS A 397 20.18 -6.19 3.12
CA CYS A 397 19.76 -7.55 2.75
C CYS A 397 20.54 -8.06 1.54
N SER A 398 20.84 -9.36 1.54
CA SER A 398 21.48 -9.97 0.38
C SER A 398 20.66 -9.81 -0.89
N THR A 399 21.33 -9.69 -2.03
CA THR A 399 20.65 -9.67 -3.31
C THR A 399 19.95 -11.00 -3.61
N SER A 400 20.20 -12.02 -2.77
CA SER A 400 19.54 -13.34 -2.90
C SER A 400 18.25 -13.44 -2.08
N SER A 401 17.94 -12.39 -1.32
CA SER A 401 16.84 -12.41 -0.34
C SER A 401 15.48 -12.20 -1.00
N GLY A 402 14.43 -12.51 -0.23
CA GLY A 402 13.08 -12.14 -0.61
C GLY A 402 12.38 -13.02 -1.64
N VAL A 403 12.90 -14.21 -1.96
CA VAL A 403 12.17 -15.10 -2.87
C VAL A 403 10.85 -15.47 -2.21
N PRO A 404 9.70 -15.14 -2.84
CA PRO A 404 8.44 -15.33 -2.12
C PRO A 404 8.22 -16.74 -1.55
N ALA A 405 8.46 -17.77 -2.34
CA ALA A 405 8.23 -19.12 -1.80
C ALA A 405 9.15 -19.43 -0.62
N GLN A 406 10.36 -18.87 -0.66
CA GLN A 406 11.31 -19.09 0.40
C GLN A 406 10.90 -18.35 1.68
N VAL A 407 10.58 -17.05 1.59
CA VAL A 407 10.19 -16.31 2.79
CA VAL A 407 10.21 -16.32 2.80
C VAL A 407 8.84 -16.76 3.34
N GLU A 408 7.95 -17.19 2.45
CA GLU A 408 6.67 -17.77 2.91
C GLU A 408 6.87 -19.08 3.71
N SER A 409 7.84 -19.89 3.29
CA SER A 409 8.15 -21.14 4.00
CA SER A 409 8.17 -21.14 4.00
C SER A 409 8.93 -20.90 5.29
N GLN A 410 9.88 -19.98 5.26
CA GLN A 410 10.77 -19.75 6.40
C GLN A 410 10.23 -18.82 7.46
N SER A 411 9.44 -17.82 7.02
CA SER A 411 8.95 -16.80 7.93
C SER A 411 7.43 -16.65 7.93
N PRO A 412 6.66 -17.77 8.01
CA PRO A 412 5.21 -17.62 7.89
C PRO A 412 4.56 -16.80 9.00
N ASN A 413 5.24 -16.73 10.14
CA ASN A 413 4.73 -16.03 11.32
C ASN A 413 5.13 -14.57 11.39
N ALA A 414 5.77 -14.10 10.32
CA ALA A 414 6.01 -12.68 10.20
C ALA A 414 4.70 -11.92 10.27
N LYS A 415 4.77 -10.68 10.73
CA LYS A 415 3.59 -9.85 10.87
CA LYS A 415 3.59 -9.86 10.92
C LYS A 415 3.97 -8.39 11.01
N VAL A 416 2.99 -7.52 10.81
CA VAL A 416 3.13 -6.09 11.08
C VAL A 416 1.98 -5.64 11.98
N THR A 417 2.27 -4.70 12.87
CA THR A 417 1.23 -4.10 13.68
C THR A 417 1.29 -2.58 13.58
N PHE A 418 0.18 -2.00 13.11
CA PHE A 418 0.00 -0.56 13.04
C PHE A 418 -0.95 -0.15 14.15
N SER A 419 -0.66 0.95 14.82
CA SER A 419 -1.52 1.38 15.92
C SER A 419 -1.49 2.89 16.11
N ASN A 420 -2.42 3.36 16.94
CA ASN A 420 -2.43 4.74 17.39
C ASN A 420 -2.37 5.75 16.23
N ILE A 421 -3.22 5.53 15.24
CA ILE A 421 -3.36 6.48 14.15
C ILE A 421 -3.93 7.81 14.65
N LYS A 422 -3.30 8.92 14.27
CA LYS A 422 -3.73 10.27 14.66
C LYS A 422 -3.58 11.17 13.46
N PHE A 423 -4.59 11.99 13.17
CA PHE A 423 -4.64 12.83 11.99
C PHE A 423 -5.18 14.21 12.37
N GLY A 424 -4.55 15.26 11.86
CA GLY A 424 -5.06 16.61 12.09
C GLY A 424 -4.11 17.65 11.54
N PRO A 425 -4.36 18.92 11.84
CA PRO A 425 -3.46 19.97 11.39
C PRO A 425 -2.00 19.72 11.78
N ILE A 426 -1.10 20.15 10.93
CA ILE A 426 0.32 20.19 11.28
C ILE A 426 0.50 20.74 12.70
N GLY A 427 1.30 20.04 13.49
CA GLY A 427 1.60 20.40 14.88
C GLY A 427 0.62 19.90 15.93
N SER A 428 -0.45 19.22 15.51
CA SER A 428 -1.54 18.89 16.44
C SER A 428 -1.51 17.47 17.01
N THR A 429 -0.87 16.54 16.32
CA THR A 429 -1.04 15.12 16.64
C THR A 429 -0.24 14.62 17.85
N GLY A 430 0.70 15.40 18.33
CA GLY A 430 1.44 15.03 19.55
C GLY A 430 0.70 15.40 20.82
N ASN A 431 -0.43 16.07 20.68
CA ASN A 431 -1.26 16.42 21.84
C ASN A 431 -2.03 15.22 22.40
N PRO A 432 -2.51 15.32 23.66
CA PRO A 432 -3.10 14.11 24.24
C PRO A 432 -4.31 13.55 23.47
N SER A 433 -4.33 12.23 23.29
CA SER A 433 -5.49 11.56 22.72
C SER A 433 -6.72 11.70 23.61
N GLY A 434 -7.90 11.75 22.99
CA GLY A 434 -9.15 11.98 23.71
C GLY A 434 -10.08 10.79 23.68
O1 XYP B . -1.25 -7.99 -5.63
C1 XYP B . -1.82 -8.88 -4.64
C2 XYP B . -3.01 -9.58 -5.28
C3 XYP B . -3.72 -10.51 -4.33
C4 XYP B . -2.71 -11.48 -3.74
C5 XYP B . -1.38 -10.83 -3.33
O2 XYP B . -3.93 -8.67 -5.88
O3 XYP B . -4.73 -11.19 -5.10
O4 XYP B . -3.27 -12.03 -2.54
O5 XYP B . -0.87 -9.89 -4.29
C1 XYP B . -3.88 -13.22 -2.70
C2 XYP B . -3.96 -14.00 -1.40
C3 XYP B . -4.76 -15.28 -1.62
C4 XYP B . -6.13 -14.95 -2.21
C5 XYP B . -5.96 -14.12 -3.50
O2 XYP B . -2.66 -14.32 -0.92
O3 XYP B . -4.92 -15.96 -0.37
O4 XYP B . -6.80 -16.19 -2.49
O5 XYP B . -5.20 -12.93 -3.18
C1 XYP B . -8.12 -16.27 -2.31
C2 XYP B . -8.60 -17.13 -3.48
C3 XYP B . -10.09 -17.41 -3.32
C4 XYP B . -10.33 -18.09 -1.98
C5 XYP B . -9.84 -17.18 -0.83
O2 XYP B . -8.36 -16.47 -4.74
O3 XYP B . -10.58 -18.20 -4.41
O4 XYP B . -11.72 -18.34 -1.86
O5 XYP B . -8.46 -16.84 -1.02
CO CO C . -10.96 -2.27 -22.52
CO CO D . 8.93 23.66 4.23
C1 NAG E . 22.07 9.44 10.62
C2 NAG E . 23.40 10.18 10.82
C3 NAG E . 23.55 10.60 12.27
C4 NAG E . 22.29 11.30 12.76
C5 NAG E . 21.04 10.45 12.50
C6 NAG E . 19.73 11.13 12.90
C7 NAG E . 25.00 9.41 9.13
C8 NAG E . 26.12 8.46 8.82
N2 NAG E . 24.52 9.33 10.37
O3 NAG E . 24.67 11.44 12.39
O4 NAG E . 22.33 11.60 14.14
O5 NAG E . 20.98 10.20 11.12
O6 NAG E . 19.70 12.41 12.26
O7 NAG E . 24.58 10.16 8.23
C1 PEG F . 8.70 -1.98 -9.17
O1 PEG F . 9.76 -2.58 -8.42
C2 PEG F . 7.83 -1.09 -8.27
O2 PEG F . 8.60 -0.51 -7.23
C3 PEG F . 9.20 0.71 -7.66
C4 PEG F . 10.68 0.74 -7.33
O4 PEG F . 11.23 2.01 -7.74
C1 PEG G . -3.91 -13.29 14.51
O1 PEG G . -4.22 -13.26 13.12
C2 PEG G . -3.02 -14.49 14.76
O2 PEG G . -1.68 -14.11 14.47
C3 PEG G . -0.74 -15.00 15.06
C4 PEG G . 0.55 -15.03 14.24
O4 PEG G . 1.71 -14.81 15.06
#